data_5PA1
#
_entry.id   5PA1
#
_cell.length_a   50.047
_cell.length_b   54.205
_cell.length_c   80.932
_cell.angle_alpha   90.000
_cell.angle_beta   90.000
_cell.angle_gamma   90.000
#
_symmetry.space_group_name_H-M   'P 21 21 21'
#
loop_
_entity.id
_entity.type
_entity.pdbx_description
1 polymer 'Catechol O-methyltransferase'
2 non-polymer 'MAGNESIUM ION'
3 non-polymer 'CHLORIDE ION'
4 non-polymer 'SULFATE ION'
5 non-polymer (4S,5S)-1,2-DITHIANE-4,5-DIOL
6 non-polymer '2-[N-CYCLOHEXYLAMINO]ETHANE SULFONIC ACID'
7 non-polymer S-ADENOSYL-L-HOMOCYSTEINE
8 non-polymer 6-(4-fluorophenyl)quinolin-8-ol
9 water water
#
_entity_poly.entity_id   1
_entity_poly.type   'polypeptide(L)'
_entity_poly.pdbx_seq_one_letter_code
;MGDTKEQRILRYVQQNAKPGDPQSVLEAIDTYCTQKEWAMNVGDAKGQIMDAVIREYSPSLVLELGAYCGYSAVRMARLL
QPGARLLTMEMNPDYAAITQQMLNFAGLQDKVTILNGASQDLIPQLKKKYDVDTLDMVFLDHWKDRYLPDTLLLEKCGLL
RKGTVLLADNVIVPGTPDFLAYVRGSSSFECTHYSSYLEYMKVVDGLEKAIYQGPSSPDKS
;
_entity_poly.pdbx_strand_id   A
#
loop_
_chem_comp.id
_chem_comp.type
_chem_comp.name
_chem_comp.formula
7JS non-polymer 6-(4-fluorophenyl)quinolin-8-ol 'C15 H10 F N O'
CL non-polymer 'CHLORIDE ION' 'Cl -1'
D1D non-polymer (4S,5S)-1,2-DITHIANE-4,5-DIOL 'C4 H8 O2 S2'
MG non-polymer 'MAGNESIUM ION' 'Mg 2'
NHE non-polymer '2-[N-CYCLOHEXYLAMINO]ETHANE SULFONIC ACID' 'C8 H17 N O3 S'
SO4 non-polymer 'SULFATE ION' 'O4 S -2'
#
# COMPACT_ATOMS: atom_id res chain seq x y z
N ASP A 3 16.86 3.96 -20.19
CA ASP A 3 16.24 3.78 -18.87
C ASP A 3 14.82 3.18 -18.91
N THR A 4 14.35 2.86 -17.73
CA THR A 4 12.98 2.43 -17.57
C THR A 4 12.08 3.56 -17.13
N LYS A 5 10.79 3.32 -17.23
CA LYS A 5 9.78 4.28 -16.78
C LYS A 5 9.98 4.58 -15.29
N GLU A 6 10.32 3.57 -14.51
CA GLU A 6 10.47 3.78 -13.07
C GLU A 6 11.70 4.63 -12.75
N GLN A 7 12.79 4.41 -13.49
CA GLN A 7 13.97 5.26 -13.34
C GLN A 7 13.63 6.71 -13.77
N ARG A 8 12.83 6.88 -14.81
CA ARG A 8 12.41 8.22 -15.24
C ARG A 8 11.58 8.92 -14.19
N ILE A 9 10.68 8.15 -13.51
CA ILE A 9 9.89 8.74 -12.44
C ILE A 9 10.75 9.24 -11.29
N LEU A 10 11.68 8.37 -10.90
CA LEU A 10 12.62 8.73 -9.84
C LEU A 10 13.41 9.98 -10.15
N ARG A 11 13.99 10.00 -11.32
CA ARG A 11 14.78 11.16 -11.71
C ARG A 11 13.95 12.43 -11.76
N TYR A 12 12.68 12.28 -12.22
CA TYR A 12 11.80 13.44 -12.24
C TYR A 12 11.58 13.97 -10.85
N VAL A 13 11.33 13.08 -9.91
CA VAL A 13 11.18 13.50 -8.53
C VAL A 13 12.39 14.22 -8.01
N GLN A 14 13.55 13.59 -8.21
CA GLN A 14 14.79 14.15 -7.74
C GLN A 14 15.05 15.56 -8.29
N GLN A 15 14.52 15.86 -9.46
CA GLN A 15 14.80 17.16 -10.12
C GLN A 15 13.64 18.15 -10.04
N ASN A 16 12.50 17.74 -9.45
CA ASN A 16 11.30 18.57 -9.44
C ASN A 16 10.58 18.60 -8.09
N ALA A 17 11.14 17.97 -7.11
CA ALA A 17 10.60 17.99 -5.77
C ALA A 17 11.73 18.49 -4.81
N LYS A 18 11.38 18.77 -3.60
CA LYS A 18 12.32 19.24 -2.55
C LYS A 18 12.73 18.09 -1.65
N PRO A 19 14.02 17.84 -1.50
CA PRO A 19 14.43 16.75 -0.58
C PRO A 19 13.83 16.93 0.78
N GLY A 20 13.35 15.83 1.34
CA GLY A 20 12.77 15.84 2.65
C GLY A 20 11.35 16.34 2.73
N ASP A 21 10.68 16.58 1.60
CA ASP A 21 9.31 17.11 1.57
C ASP A 21 8.44 16.10 0.86
N PRO A 22 7.80 15.21 1.64
CA PRO A 22 7.00 14.17 1.00
C PRO A 22 5.88 14.67 0.13
N GLN A 23 5.25 15.77 0.50
CA GLN A 23 4.13 16.27 -0.30
C GLN A 23 4.64 16.66 -1.69
N SER A 24 5.84 17.28 -1.78
CA SER A 24 6.42 17.66 -3.06
C SER A 24 6.74 16.45 -3.94
N VAL A 25 7.15 15.37 -3.28
CA VAL A 25 7.40 14.12 -3.97
C VAL A 25 6.12 13.54 -4.59
N LEU A 26 5.04 13.53 -3.83
CA LEU A 26 3.78 13.03 -4.32
C LEU A 26 3.31 13.87 -5.48
N GLU A 27 3.41 15.19 -5.33
CA GLU A 27 3.01 16.06 -6.41
C GLU A 27 3.82 15.89 -7.70
N ALA A 28 5.12 15.69 -7.58
CA ALA A 28 5.98 15.46 -8.75
C ALA A 28 5.58 14.15 -9.41
N ILE A 29 5.38 13.07 -8.63
CA ILE A 29 4.96 11.79 -9.28
C ILE A 29 3.65 11.94 -10.00
N ASP A 30 2.68 12.60 -9.36
CA ASP A 30 1.37 12.78 -9.97
C ASP A 30 1.42 13.61 -11.28
N THR A 31 2.24 14.64 -11.26
CA THR A 31 2.46 15.44 -12.45
C THR A 31 3.07 14.60 -13.56
N TYR A 32 4.14 13.88 -13.25
CA TYR A 32 4.79 13.09 -14.27
C TYR A 32 3.82 12.08 -14.83
N CYS A 33 3.05 11.44 -13.98
CA CYS A 33 2.21 10.33 -14.46
C CYS A 33 0.93 10.81 -15.14
N THR A 34 0.55 12.06 -14.93
CA THR A 34 -0.49 12.69 -15.66
C THR A 34 -0.06 13.26 -16.99
N GLN A 35 1.12 13.87 -17.03
CA GLN A 35 1.55 14.63 -18.20
C GLN A 35 2.46 13.83 -19.10
N LYS A 36 3.15 12.78 -18.62
CA LYS A 36 4.18 12.09 -19.38
C LYS A 36 3.92 10.62 -19.59
N GLU A 37 3.86 9.85 -18.52
CA GLU A 37 3.67 8.40 -18.62
C GLU A 37 2.84 7.91 -17.44
N TRP A 38 1.77 7.19 -17.75
CA TRP A 38 0.92 6.58 -16.73
C TRP A 38 1.74 5.56 -15.97
N ALA A 39 1.45 5.39 -14.69
CA ALA A 39 2.04 4.30 -13.92
C ALA A 39 1.07 3.93 -12.80
N MET A 40 1.22 2.71 -12.31
CA MET A 40 0.25 2.04 -11.42
C MET A 40 0.38 2.46 -9.93
N ASN A 41 0.64 3.72 -9.69
CA ASN A 41 0.63 4.25 -8.32
C ASN A 41 -0.82 4.41 -7.90
N VAL A 42 -1.12 4.41 -6.61
CA VAL A 42 -2.49 4.55 -6.18
C VAL A 42 -3.11 5.84 -6.64
N GLY A 43 -2.28 6.86 -6.77
CA GLY A 43 -2.70 8.12 -7.29
C GLY A 43 -3.34 9.05 -6.27
N ASP A 44 -3.71 10.25 -6.70
CA ASP A 44 -4.18 11.28 -5.77
C ASP A 44 -5.67 11.07 -5.44
N ALA A 45 -6.52 10.58 -6.35
CA ALA A 45 -7.95 10.43 -6.02
C ALA A 45 -8.13 9.37 -4.91
N LYS A 46 -7.60 8.18 -5.14
CA LYS A 46 -7.67 7.17 -4.16
C LYS A 46 -6.75 7.48 -2.99
N GLY A 47 -5.64 8.18 -3.26
CA GLY A 47 -4.71 8.56 -2.21
C GLY A 47 -5.37 9.43 -1.18
N GLN A 48 -6.29 10.32 -1.58
CA GLN A 48 -6.99 11.12 -0.61
C GLN A 48 -7.86 10.32 0.32
N ILE A 49 -8.46 9.22 -0.19
CA ILE A 49 -9.24 8.33 0.63
C ILE A 49 -8.32 7.59 1.59
N MET A 50 -7.17 7.10 1.10
CA MET A 50 -6.18 6.45 1.97
CA MET A 50 -6.16 6.44 1.93
C MET A 50 -5.74 7.40 3.08
N ASP A 51 -5.49 8.67 2.77
CA ASP A 51 -5.05 9.60 3.77
C ASP A 51 -6.11 9.72 4.88
N ALA A 52 -7.38 9.82 4.49
CA ALA A 52 -8.51 9.96 5.44
C ALA A 52 -8.58 8.74 6.35
N VAL A 53 -8.33 7.57 5.78
CA VAL A 53 -8.33 6.33 6.57
C VAL A 53 -7.16 6.27 7.53
N ILE A 54 -5.96 6.59 7.06
CA ILE A 54 -4.78 6.60 7.90
C ILE A 54 -4.97 7.58 9.06
N ARG A 55 -5.49 8.77 8.79
CA ARG A 55 -5.72 9.79 9.84
C ARG A 55 -6.73 9.26 10.86
N GLU A 56 -7.72 8.48 10.42
CA GLU A 56 -8.73 8.01 11.32
C GLU A 56 -8.17 7.01 12.32
N TYR A 57 -7.36 6.08 11.83
CA TYR A 57 -6.84 4.97 12.63
C TYR A 57 -5.48 5.23 13.31
N SER A 58 -4.69 6.18 12.78
CA SER A 58 -3.35 6.46 13.32
C SER A 58 -2.59 5.17 13.63
N PRO A 59 -2.41 4.30 12.62
CA PRO A 59 -1.80 2.97 12.92
C PRO A 59 -0.34 3.09 13.30
N SER A 60 0.06 2.28 14.28
CA SER A 60 1.45 2.18 14.67
C SER A 60 2.32 1.30 13.80
N LEU A 61 1.71 0.27 13.19
CA LEU A 61 2.44 -0.63 12.32
C LEU A 61 1.55 -0.98 11.15
N VAL A 62 2.04 -0.63 9.97
CA VAL A 62 1.33 -0.83 8.74
C VAL A 62 2.18 -1.76 7.89
N LEU A 63 1.53 -2.69 7.20
CA LEU A 63 2.14 -3.51 6.20
C LEU A 63 1.58 -3.17 4.86
N GLU A 64 2.44 -2.90 3.87
CA GLU A 64 2.02 -2.71 2.48
C GLU A 64 2.53 -3.87 1.65
N LEU A 65 1.62 -4.39 0.83
CA LEU A 65 1.94 -5.45 -0.14
C LEU A 65 1.95 -4.81 -1.53
N GLY A 66 3.16 -4.67 -2.09
CA GLY A 66 3.45 -4.07 -3.36
C GLY A 66 3.87 -2.65 -3.22
N ALA A 67 5.14 -2.40 -3.47
CA ALA A 67 5.73 -1.05 -3.27
C ALA A 67 5.90 -0.25 -4.55
N TYR A 68 6.33 -0.91 -5.61
CA TYR A 68 6.53 -0.28 -6.94
C TYR A 68 7.57 0.80 -6.91
N CYS A 69 7.20 2.06 -7.04
CA CYS A 69 8.19 3.17 -6.95
C CYS A 69 8.13 3.90 -5.65
N GLY A 70 7.31 3.48 -4.71
CA GLY A 70 7.24 4.10 -3.42
C GLY A 70 6.20 5.16 -3.19
N TYR A 71 5.34 5.39 -4.18
CA TYR A 71 4.33 6.44 -4.04
C TYR A 71 3.42 6.22 -2.80
N SER A 72 2.81 5.04 -2.72
CA SER A 72 1.91 4.79 -1.59
C SER A 72 2.66 4.74 -0.26
N ALA A 73 3.88 4.26 -0.28
CA ALA A 73 4.68 4.23 0.91
C ALA A 73 4.95 5.62 1.40
N VAL A 74 5.30 6.52 0.46
CA VAL A 74 5.49 7.92 0.84
C VAL A 74 4.19 8.51 1.37
N ARG A 75 3.10 8.21 0.68
CA ARG A 75 1.82 8.78 1.03
C ARG A 75 1.41 8.35 2.46
N MET A 76 1.62 7.08 2.80
CA MET A 76 1.23 6.61 4.13
C MET A 76 2.20 7.04 5.19
N ALA A 77 3.50 6.91 4.88
CA ALA A 77 4.51 7.16 5.88
C ALA A 77 4.55 8.61 6.32
N ARG A 78 4.18 9.53 5.45
CA ARG A 78 4.20 10.96 5.80
C ARG A 78 3.16 11.29 6.84
N LEU A 79 2.16 10.42 7.00
CA LEU A 79 1.05 10.64 7.93
C LEU A 79 1.21 9.85 9.23
N LEU A 80 2.21 9.01 9.35
CA LEU A 80 2.44 8.20 10.54
C LEU A 80 2.94 9.11 11.67
N GLN A 81 2.57 8.76 12.91
CA GLN A 81 2.98 9.48 14.10
C GLN A 81 4.43 9.11 14.37
N PRO A 82 5.16 9.95 15.17
CA PRO A 82 6.52 9.61 15.49
C PRO A 82 6.60 8.21 16.13
N GLY A 83 7.57 7.47 15.65
CA GLY A 83 7.81 6.10 16.16
C GLY A 83 6.97 5.03 15.46
N ALA A 84 5.96 5.44 14.70
CA ALA A 84 5.12 4.47 13.95
C ALA A 84 5.94 4.02 12.74
N ARG A 85 5.61 2.85 12.22
CA ARG A 85 6.38 2.23 11.19
C ARG A 85 5.57 1.59 10.08
N LEU A 86 6.17 1.56 8.90
CA LEU A 86 5.65 0.90 7.72
C LEU A 86 6.65 -0.15 7.25
N LEU A 87 6.16 -1.34 6.98
CA LEU A 87 6.88 -2.38 6.29
C LEU A 87 6.26 -2.56 4.92
N THR A 88 7.03 -2.58 3.86
CA THR A 88 6.48 -2.75 2.51
C THR A 88 7.20 -3.88 1.85
N MET A 89 6.48 -4.76 1.21
CA MET A 89 7.00 -5.93 0.56
C MET A 89 6.97 -5.74 -0.95
N GLU A 90 8.08 -6.01 -1.60
CA GLU A 90 8.23 -5.79 -3.04
C GLU A 90 9.09 -6.90 -3.62
N MET A 91 8.57 -7.68 -4.54
CA MET A 91 9.23 -8.85 -5.13
CA MET A 91 9.34 -8.82 -5.00
C MET A 91 10.23 -8.48 -6.19
N ASN A 92 10.03 -7.35 -6.84
CA ASN A 92 10.87 -6.97 -7.97
C ASN A 92 12.03 -6.14 -7.45
N PRO A 93 13.28 -6.65 -7.57
CA PRO A 93 14.41 -5.97 -6.99
C PRO A 93 14.69 -4.61 -7.62
N ASP A 94 14.41 -4.44 -8.90
CA ASP A 94 14.59 -3.17 -9.53
C ASP A 94 13.65 -2.15 -8.94
N TYR A 95 12.42 -2.56 -8.71
CA TYR A 95 11.42 -1.68 -8.09
C TYR A 95 11.75 -1.41 -6.65
N ALA A 96 12.24 -2.43 -5.92
CA ALA A 96 12.63 -2.22 -4.53
C ALA A 96 13.68 -1.12 -4.46
N ALA A 97 14.64 -1.14 -5.41
CA ALA A 97 15.68 -0.12 -5.35
C ALA A 97 15.10 1.27 -5.66
N ILE A 98 14.18 1.37 -6.60
CA ILE A 98 13.51 2.66 -6.81
C ILE A 98 12.85 3.16 -5.51
N THR A 99 12.08 2.27 -4.91
CA THR A 99 11.29 2.60 -3.71
C THR A 99 12.25 3.09 -2.62
N GLN A 100 13.36 2.36 -2.39
CA GLN A 100 14.29 2.83 -1.36
C GLN A 100 14.78 4.26 -1.65
N GLN A 101 15.16 4.50 -2.88
CA GLN A 101 15.63 5.82 -3.25
C GLN A 101 14.60 6.91 -3.16
N MET A 102 13.36 6.52 -3.44
CA MET A 102 12.26 7.45 -3.30
C MET A 102 12.01 7.86 -1.86
N LEU A 103 12.02 6.85 -1.00
CA LEU A 103 11.88 7.09 0.44
C LEU A 103 13.04 7.90 1.03
N ASN A 104 14.25 7.61 0.55
CA ASN A 104 15.41 8.37 0.98
C ASN A 104 15.24 9.80 0.57
N PHE A 105 14.85 10.06 -0.65
CA PHE A 105 14.72 11.45 -1.11
C PHE A 105 13.65 12.19 -0.29
N ALA A 106 12.55 11.50 -0.01
CA ALA A 106 11.45 12.06 0.79
C ALA A 106 11.78 12.28 2.24
N GLY A 107 12.88 11.69 2.72
CA GLY A 107 13.31 11.74 4.12
C GLY A 107 12.56 10.85 5.05
N LEU A 108 11.94 9.84 4.51
CA LEU A 108 11.09 8.92 5.26
C LEU A 108 11.74 7.58 5.57
N GLN A 109 13.01 7.45 5.24
CA GLN A 109 13.69 6.15 5.33
C GLN A 109 13.76 5.60 6.75
N ASP A 110 13.62 6.45 7.78
CA ASP A 110 13.67 5.85 9.12
C ASP A 110 12.37 5.25 9.54
N LYS A 111 11.29 5.62 8.86
CA LYS A 111 9.96 5.10 9.15
C LYS A 111 9.54 3.87 8.39
N VAL A 112 10.27 3.55 7.32
CA VAL A 112 9.88 2.52 6.41
C VAL A 112 10.96 1.50 6.19
N THR A 113 10.61 0.22 6.18
CA THR A 113 11.52 -0.88 5.80
C THR A 113 10.95 -1.55 4.57
N ILE A 114 11.79 -1.59 3.54
CA ILE A 114 11.35 -2.19 2.33
C ILE A 114 11.98 -3.52 2.31
N LEU A 115 11.13 -4.56 2.31
CA LEU A 115 11.48 -5.97 2.27
C LEU A 115 11.41 -6.49 0.84
N ASN A 116 12.59 -6.91 0.33
CA ASN A 116 12.68 -7.40 -1.07
CA ASN A 116 12.74 -7.51 -0.98
C ASN A 116 12.38 -8.93 -1.07
N GLY A 117 11.20 -9.28 -1.54
CA GLY A 117 10.78 -10.65 -1.63
C GLY A 117 9.27 -10.69 -1.89
N ALA A 118 8.78 -11.88 -2.11
CA ALA A 118 7.35 -12.16 -2.33
C ALA A 118 6.65 -12.23 -0.98
N SER A 119 5.48 -11.59 -0.94
CA SER A 119 4.66 -11.58 0.27
C SER A 119 4.39 -12.95 0.83
N GLN A 120 4.18 -13.92 -0.04
CA GLN A 120 3.83 -15.25 0.48
C GLN A 120 5.03 -15.94 1.18
N ASP A 121 6.22 -15.51 0.86
CA ASP A 121 7.44 -16.00 1.55
C ASP A 121 7.80 -15.17 2.78
N LEU A 122 7.54 -13.87 2.73
CA LEU A 122 7.92 -12.96 3.80
C LEU A 122 6.88 -12.92 4.93
N ILE A 123 5.58 -13.00 4.62
CA ILE A 123 4.59 -12.98 5.67
C ILE A 123 4.87 -13.98 6.81
N PRO A 124 5.26 -15.22 6.48
CA PRO A 124 5.52 -16.20 7.59
C PRO A 124 6.73 -15.88 8.39
N GLN A 125 7.58 -14.99 7.93
CA GLN A 125 8.79 -14.54 8.66
C GLN A 125 8.54 -13.33 9.53
N LEU A 126 7.39 -12.69 9.42
CA LEU A 126 7.24 -11.42 10.12
C LEU A 126 7.42 -11.48 11.63
N LYS A 127 6.86 -12.51 12.25
CA LYS A 127 6.93 -12.61 13.72
C LYS A 127 8.33 -12.84 14.26
N LYS A 128 9.02 -13.79 13.69
CA LYS A 128 10.31 -14.20 14.24
C LYS A 128 11.42 -13.34 13.67
N LYS A 129 11.50 -13.17 12.37
CA LYS A 129 12.58 -12.42 11.79
C LYS A 129 12.41 -10.92 11.97
N TYR A 130 11.21 -10.41 11.83
CA TYR A 130 10.98 -8.96 11.87
C TYR A 130 10.32 -8.47 13.16
N ASP A 131 10.19 -9.36 14.13
CA ASP A 131 9.68 -9.03 15.49
C ASP A 131 8.29 -8.35 15.52
N VAL A 132 7.43 -8.73 14.62
CA VAL A 132 6.10 -8.20 14.59
C VAL A 132 5.21 -9.07 15.52
N ASP A 133 4.33 -8.43 16.29
CA ASP A 133 3.30 -9.10 17.04
C ASP A 133 2.03 -9.15 16.13
N THR A 134 1.26 -8.06 16.03
CA THR A 134 0.15 -8.00 15.14
C THR A 134 0.21 -6.68 14.38
N LEU A 135 -0.49 -6.63 13.27
CA LEU A 135 -0.50 -5.48 12.40
C LEU A 135 -1.72 -4.63 12.69
N ASP A 136 -1.55 -3.31 12.61
CA ASP A 136 -2.66 -2.39 12.76
C ASP A 136 -3.40 -2.17 11.46
N MET A 137 -2.69 -2.18 10.34
CA MET A 137 -3.28 -1.90 9.04
CA MET A 137 -3.28 -1.90 9.05
C MET A 137 -2.47 -2.66 7.99
N VAL A 138 -3.16 -3.10 6.95
CA VAL A 138 -2.52 -3.73 5.80
C VAL A 138 -3.08 -3.04 4.55
N PHE A 139 -2.19 -2.52 3.70
CA PHE A 139 -2.58 -2.04 2.37
C PHE A 139 -2.24 -3.10 1.31
N LEU A 140 -3.28 -3.62 0.72
CA LEU A 140 -3.14 -4.64 -0.33
CA LEU A 140 -3.15 -4.64 -0.33
C LEU A 140 -3.12 -3.95 -1.68
N ASP A 141 -1.99 -4.06 -2.41
CA ASP A 141 -1.89 -3.43 -3.72
C ASP A 141 -0.83 -4.11 -4.56
N HIS A 142 -0.83 -5.44 -4.51
CA HIS A 142 0.08 -6.23 -5.27
C HIS A 142 -0.71 -6.94 -6.38
N TRP A 143 -0.24 -8.09 -6.89
CA TRP A 143 -1.03 -8.72 -7.96
C TRP A 143 -2.36 -9.20 -7.38
N LYS A 144 -3.44 -9.03 -8.15
CA LYS A 144 -4.80 -9.17 -7.63
C LYS A 144 -5.15 -10.56 -7.17
N ASP A 145 -4.51 -11.53 -7.79
CA ASP A 145 -4.71 -12.92 -7.39
C ASP A 145 -4.11 -13.32 -6.08
N ARG A 146 -3.36 -12.43 -5.45
CA ARG A 146 -2.75 -12.70 -4.15
C ARG A 146 -3.53 -12.10 -3.01
N TYR A 147 -4.53 -11.28 -3.27
CA TYR A 147 -5.21 -10.60 -2.17
C TYR A 147 -5.84 -11.61 -1.23
N LEU A 148 -6.64 -12.56 -1.78
CA LEU A 148 -7.26 -13.53 -0.88
C LEU A 148 -6.24 -14.49 -0.24
N PRO A 149 -5.36 -15.13 -0.99
CA PRO A 149 -4.41 -16.05 -0.35
C PRO A 149 -3.60 -15.33 0.72
N ASP A 150 -3.16 -14.10 0.49
CA ASP A 150 -2.36 -13.43 1.52
C ASP A 150 -3.19 -13.00 2.73
N THR A 151 -4.46 -12.62 2.54
CA THR A 151 -5.33 -12.33 3.67
C THR A 151 -5.45 -13.57 4.56
N LEU A 152 -5.67 -14.71 3.90
CA LEU A 152 -5.81 -15.97 4.64
C LEU A 152 -4.52 -16.36 5.32
N LEU A 153 -3.37 -16.09 4.68
CA LEU A 153 -2.07 -16.34 5.27
C LEU A 153 -1.79 -15.45 6.46
N LEU A 154 -2.17 -14.17 6.36
CA LEU A 154 -2.00 -13.25 7.47
C LEU A 154 -2.76 -13.74 8.72
N GLU A 155 -3.97 -14.26 8.47
CA GLU A 155 -4.78 -14.74 9.55
C GLU A 155 -4.13 -16.04 10.16
N LYS A 156 -3.72 -16.96 9.30
CA LYS A 156 -3.02 -18.20 9.75
C LYS A 156 -1.82 -17.91 10.62
N CYS A 157 -1.05 -16.90 10.24
CA CYS A 157 0.15 -16.51 10.95
C CYS A 157 -0.05 -15.71 12.22
N GLY A 158 -1.31 -15.45 12.56
CA GLY A 158 -1.61 -14.75 13.76
C GLY A 158 -1.26 -13.27 13.73
N LEU A 159 -1.26 -12.68 12.56
CA LEU A 159 -0.81 -11.28 12.36
C LEU A 159 -1.97 -10.29 12.42
N LEU A 160 -3.22 -10.74 12.37
CA LEU A 160 -4.38 -9.88 12.47
C LEU A 160 -4.90 -9.88 13.91
N ARG A 161 -5.40 -8.77 14.35
CA ARG A 161 -6.08 -8.67 15.63
C ARG A 161 -7.43 -8.02 15.41
N LYS A 162 -8.30 -8.05 16.42
CA LYS A 162 -9.56 -7.37 16.40
C LYS A 162 -9.31 -5.91 16.08
N GLY A 163 -9.91 -5.46 14.99
CA GLY A 163 -9.72 -4.05 14.55
C GLY A 163 -8.64 -3.83 13.49
N THR A 164 -7.84 -4.83 13.14
CA THR A 164 -6.88 -4.63 12.03
C THR A 164 -7.64 -4.19 10.77
N VAL A 165 -7.16 -3.14 10.17
CA VAL A 165 -7.79 -2.57 9.01
C VAL A 165 -7.08 -3.08 7.76
N LEU A 166 -7.79 -3.79 6.90
CA LEU A 166 -7.27 -4.10 5.56
C LEU A 166 -7.86 -3.03 4.62
N LEU A 167 -7.03 -2.45 3.78
CA LEU A 167 -7.46 -1.49 2.75
C LEU A 167 -6.89 -2.03 1.46
N ALA A 168 -7.79 -2.30 0.53
CA ALA A 168 -7.45 -2.97 -0.74
C ALA A 168 -7.66 -2.05 -1.89
N ASP A 169 -6.62 -1.86 -2.69
CA ASP A 169 -6.73 -1.06 -3.93
C ASP A 169 -7.30 -1.91 -5.05
N ASN A 170 -7.86 -1.25 -6.05
CA ASN A 170 -8.18 -1.85 -7.30
C ASN A 170 -9.23 -2.92 -7.24
N VAL A 171 -10.20 -2.74 -6.32
CA VAL A 171 -11.21 -3.77 -6.21
C VAL A 171 -12.22 -3.70 -7.37
N ILE A 172 -12.18 -2.68 -8.22
CA ILE A 172 -12.99 -2.62 -9.44
C ILE A 172 -12.14 -2.87 -10.68
N VAL A 173 -11.04 -2.15 -10.81
CA VAL A 173 -10.11 -2.25 -11.95
CA VAL A 173 -10.10 -2.35 -11.91
C VAL A 173 -8.67 -2.35 -11.44
N PRO A 174 -7.94 -3.43 -11.73
CA PRO A 174 -8.35 -4.63 -12.46
C PRO A 174 -9.43 -5.49 -11.81
N GLY A 175 -9.68 -5.32 -10.56
CA GLY A 175 -10.63 -6.08 -9.81
C GLY A 175 -10.02 -7.23 -9.06
N THR A 176 -10.67 -7.62 -7.98
CA THR A 176 -10.18 -8.76 -7.19
CA THR A 176 -10.22 -8.64 -7.08
C THR A 176 -11.44 -9.50 -6.66
N PRO A 177 -12.07 -10.22 -7.58
CA PRO A 177 -13.41 -10.75 -7.28
C PRO A 177 -13.48 -11.80 -6.20
N ASP A 178 -12.47 -12.67 -6.07
CA ASP A 178 -12.50 -13.69 -5.03
C ASP A 178 -12.31 -13.03 -3.65
N PHE A 179 -11.31 -12.13 -3.52
CA PHE A 179 -11.14 -11.39 -2.29
C PHE A 179 -12.41 -10.67 -1.90
N LEU A 180 -12.98 -9.88 -2.81
CA LEU A 180 -14.12 -9.06 -2.49
C LEU A 180 -15.31 -9.90 -2.03
N ALA A 181 -15.59 -10.99 -2.73
CA ALA A 181 -16.68 -11.84 -2.34
C ALA A 181 -16.42 -12.45 -0.96
N TYR A 182 -15.21 -12.86 -0.79
CA TYR A 182 -14.85 -13.47 0.49
C TYR A 182 -15.04 -12.53 1.68
N VAL A 183 -14.43 -11.35 1.65
CA VAL A 183 -14.51 -10.51 2.81
C VAL A 183 -15.92 -10.00 3.03
N ARG A 184 -16.64 -9.73 1.94
CA ARG A 184 -18.03 -9.22 2.06
C ARG A 184 -18.96 -10.30 2.61
N GLY A 185 -18.62 -11.58 2.41
CA GLY A 185 -19.44 -12.68 2.91
C GLY A 185 -19.04 -13.25 4.22
N SER A 186 -17.97 -12.79 4.80
CA SER A 186 -17.40 -13.37 6.01
C SER A 186 -17.78 -12.60 7.23
N SER A 187 -18.25 -13.29 8.25
CA SER A 187 -18.50 -12.68 9.57
CA SER A 187 -18.53 -12.59 9.51
C SER A 187 -17.26 -12.17 10.26
N SER A 188 -16.09 -12.53 9.77
CA SER A 188 -14.85 -12.08 10.39
C SER A 188 -14.37 -10.73 9.86
N PHE A 189 -15.10 -10.13 8.92
CA PHE A 189 -14.73 -8.81 8.40
C PHE A 189 -15.96 -7.90 8.37
N GLU A 190 -15.75 -6.64 8.69
CA GLU A 190 -16.74 -5.60 8.47
CA GLU A 190 -16.75 -5.57 8.48
C GLU A 190 -16.19 -4.74 7.32
N CYS A 191 -16.97 -4.66 6.24
CA CYS A 191 -16.51 -4.06 4.98
C CYS A 191 -17.22 -2.78 4.60
N THR A 192 -16.48 -1.90 3.97
CA THR A 192 -16.95 -0.62 3.43
C THR A 192 -16.28 -0.40 2.09
N HIS A 193 -17.05 0.02 1.09
CA HIS A 193 -16.55 0.33 -0.24
C HIS A 193 -16.42 1.82 -0.40
N TYR A 194 -15.28 2.24 -0.92
CA TYR A 194 -15.00 3.67 -1.22
C TYR A 194 -14.83 3.81 -2.73
N SER A 195 -15.86 4.32 -3.41
CA SER A 195 -15.80 4.49 -4.85
C SER A 195 -14.91 5.64 -5.22
N SER A 196 -14.09 5.44 -6.25
CA SER A 196 -13.19 6.48 -6.69
C SER A 196 -12.85 6.31 -8.14
N TYR A 197 -11.61 6.67 -8.52
CA TYR A 197 -11.19 6.60 -9.88
C TYR A 197 -9.82 5.98 -9.92
N LEU A 198 -9.59 5.26 -11.02
CA LEU A 198 -8.29 4.70 -11.34
C LEU A 198 -7.30 5.86 -11.43
N GLU A 199 -6.13 5.64 -10.91
CA GLU A 199 -5.10 6.64 -10.93
C GLU A 199 -4.92 7.24 -12.32
N TYR A 200 -4.97 8.57 -12.36
CA TYR A 200 -4.63 9.35 -13.52
C TYR A 200 -5.59 9.15 -14.67
N MET A 201 -6.76 8.59 -14.41
CA MET A 201 -7.66 8.15 -15.48
CA MET A 201 -7.68 8.29 -15.48
C MET A 201 -9.10 8.48 -15.11
N LYS A 202 -9.92 8.77 -16.14
CA LYS A 202 -11.37 8.93 -15.96
C LYS A 202 -12.04 7.54 -16.09
N VAL A 203 -11.72 6.65 -15.17
CA VAL A 203 -12.22 5.28 -15.14
C VAL A 203 -12.55 5.03 -13.66
N VAL A 204 -13.75 4.51 -13.35
CA VAL A 204 -14.12 4.21 -11.98
C VAL A 204 -13.28 3.09 -11.42
N ASP A 205 -12.87 3.29 -10.19
CA ASP A 205 -12.19 2.24 -9.45
C ASP A 205 -12.70 2.37 -8.00
N GLY A 206 -12.12 1.62 -7.07
CA GLY A 206 -12.51 1.78 -5.68
C GLY A 206 -11.59 1.03 -4.77
N LEU A 207 -11.70 1.42 -3.52
CA LEU A 207 -11.00 0.76 -2.43
C LEU A 207 -11.98 0.02 -1.57
N GLU A 208 -11.56 -1.11 -1.01
CA GLU A 208 -12.39 -1.75 0.01
C GLU A 208 -11.63 -1.70 1.34
N LYS A 209 -12.35 -1.31 2.41
CA LYS A 209 -11.84 -1.42 3.75
C LYS A 209 -12.53 -2.61 4.37
N ALA A 210 -11.74 -3.51 4.94
CA ALA A 210 -12.26 -4.70 5.58
C ALA A 210 -11.60 -4.76 6.94
N ILE A 211 -12.39 -4.56 8.01
CA ILE A 211 -11.85 -4.58 9.36
C ILE A 211 -12.04 -5.96 9.97
N TYR A 212 -10.93 -6.54 10.37
CA TYR A 212 -10.96 -7.88 10.98
C TYR A 212 -11.62 -7.84 12.34
N GLN A 213 -12.50 -8.78 12.52
CA GLN A 213 -13.28 -8.93 13.74
C GLN A 213 -12.87 -10.10 14.59
N GLY A 214 -11.83 -10.83 14.27
CA GLY A 214 -11.46 -12.01 15.15
C GLY A 214 -12.07 -13.26 14.54
N PRO A 215 -11.77 -14.44 15.11
CA PRO A 215 -12.41 -15.73 14.64
C PRO A 215 -13.74 -16.04 15.34
MG MG B . -3.06 -0.30 -7.30
CL CL C . -5.36 10.44 -9.63
S SO4 D . 10.49 8.75 14.02
O1 SO4 D . 10.22 9.56 15.22
O2 SO4 D . 9.28 7.93 13.74
O3 SO4 D . 11.63 7.86 14.33
O4 SO4 D . 10.78 9.60 12.85
S SO4 E . -2.82 -7.77 -11.66
O1 SO4 E . -4.05 -8.58 -11.76
O2 SO4 E . -2.49 -7.48 -10.37
O3 SO4 E . -2.94 -6.50 -12.43
O4 SO4 E . -1.70 -8.45 -12.47
S1 D1D F . -5.69 2.80 -18.87
C1 D1D F . -4.56 3.72 -19.89
C2 D1D F . -3.17 3.14 -20.21
O2 D1D F . -2.41 4.18 -20.92
C3 D1D F . -2.44 2.67 -18.94
O3 D1D F . -1.21 2.00 -19.35
C4 D1D F . -3.32 1.65 -18.23
S4 D1D F . -4.62 2.41 -17.27
C3' NHE G . -4.77 2.79 -20.20
C2' NHE G . -3.57 3.21 -21.05
C1' NHE G . -2.22 3.45 -20.35
C6' NHE G . -1.91 2.59 -19.13
N NHE G . -1.04 3.45 -21.24
C1 NHE G . -0.30 4.72 -21.18
C2 NHE G . 0.94 4.83 -22.08
S NHE G . 1.66 6.46 -21.84
O1 NHE G . 1.91 6.58 -20.41
O2 NHE G . 0.41 7.22 -22.03
O3 NHE G . 2.85 6.62 -22.71
C5' NHE G . -3.10 2.45 -18.19
C4' NHE G . -4.46 2.21 -18.80
N SAH H . 1.43 0.40 -3.81
CA SAH H . 2.12 1.07 -4.94
CB SAH H . 1.87 0.35 -6.27
CG SAH H . 2.21 -1.14 -6.25
SD SAH H . 2.12 -1.82 -7.92
C SAH H . 1.69 2.49 -5.05
O SAH H . 0.50 2.73 -4.94
OXT SAH H . 2.58 3.32 -5.21
C5' SAH H . 2.18 -3.59 -7.52
C4' SAH H . 3.54 -4.10 -7.06
O4' SAH H . 3.34 -5.38 -6.45
C3' SAH H . 4.61 -4.28 -8.13
O3' SAH H . 5.75 -3.46 -7.87
C2' SAH H . 4.92 -5.78 -8.09
O2' SAH H . 6.27 -6.14 -8.36
C1' SAH H . 4.55 -6.13 -6.66
N9 SAH H . 4.18 -7.51 -6.37
C8 SAH H . 3.31 -8.28 -7.07
N7 SAH H . 3.08 -9.43 -6.40
C5 SAH H . 3.83 -9.40 -5.27
C6 SAH H . 4.05 -10.26 -4.18
N6 SAH H . 3.46 -11.44 -4.13
N1 SAH H . 4.86 -9.83 -3.17
C2 SAH H . 5.48 -8.67 -3.25
N3 SAH H . 5.36 -7.81 -4.25
C4 SAH H . 4.53 -8.14 -5.26
C4 7JS I . -3.65 -0.51 -11.51
C5 7JS I . -2.11 -2.73 -10.80
C6 7JS I . -2.62 -2.60 -12.11
C7 7JS I . -3.95 -1.36 -13.83
C10 7JS I . -5.19 -0.81 -14.07
C13 7JS I . -3.69 -1.63 -16.21
C17 7JS I . -1.16 -2.81 -8.21
F15 7JS I . -5.37 -0.93 -17.65
C12 7JS I . -4.94 -1.09 -16.39
C9 7JS I . -3.18 -1.78 -14.91
C14 7JS I . -5.71 -0.65 -15.34
C1 7JS I . -3.40 -1.50 -12.46
C2 7JS I . -3.17 -0.60 -10.23
O11 7JS I . -3.43 0.35 -9.31
C16 7JS I . -1.38 -3.87 -10.37
C18 7JS I . -0.85 -3.87 -9.08
N8 7JS I . -1.95 -1.79 -8.58
C3 7JS I . -2.41 -1.72 -9.88
#